data_5EG0
#
_entry.id   5EG0
#
_cell.length_a   41.726
_cell.length_b   56.332
_cell.length_c   115.152
_cell.angle_alpha   90.00
_cell.angle_beta   90.00
_cell.angle_gamma   90.00
#
_symmetry.space_group_name_H-M   'P 21 21 21'
#
loop_
_entity.id
_entity.type
_entity.pdbx_description
1 polymer 'Homeobox protein Meis2'
2 polymer "DNA (5'-D(P*GP*TP*TP*GP*AP*CP*AP*GP*TP*TP*TP*TP*AP*CP*GP*AP*GP*G)-3')"
3 polymer "DNA (5'-D(*CP*CP*TP*CP*GP*TP*AP*AP*AP*AP*CP*TP*GP*TP*CP*AP*AP*C)-3')"
4 polymer 'Homeobox protein Hox-B13'
5 water water
#
loop_
_entity_poly.entity_id
_entity_poly.type
_entity_poly.pdbx_seq_one_letter_code
_entity_poly.pdbx_strand_id
1 'polypeptide(L)' AAPKVATNIMRAWLFQHLTHPYPSEEQKKQLAQDTGLTILQVNNWFINARRRIVQPM A
2 'polydeoxyribonucleotide' (DG)(DT)(DT)(DG)(DA)(DC)(DA)(DG)(DT)(DT)(DT)(DT)(DA)(DC)(DG)(DA)(DG)(DG) D
3 'polydeoxyribonucleotide' (DC)(DC)(DT)(DC)(DG)(DT)(DA)(DA)(DA)(DA)(DC)(DT)(DG)(DT)(DC)(DA)(DA)(DC) E
4 'polypeptide(L)' RKKRIPYSKGQLRELEREYAANKFITKDKRRKISAATSLSERQITIWFQNRRVKEKKVLAK B
#
loop_
_chem_comp.id
_chem_comp.type
_chem_comp.name
_chem_comp.formula
DA DNA linking 2'-DEOXYADENOSINE-5'-MONOPHOSPHATE 'C10 H14 N5 O6 P'
DC DNA linking 2'-DEOXYCYTIDINE-5'-MONOPHOSPHATE 'C9 H14 N3 O7 P'
DG DNA linking 2'-DEOXYGUANOSINE-5'-MONOPHOSPHATE 'C10 H14 N5 O7 P'
DT DNA linking THYMIDINE-5'-MONOPHOSPHATE 'C10 H15 N2 O8 P'
#
# COMPACT_ATOMS: atom_id res chain seq x y z
N ALA A 2 -22.98 6.29 -13.59
CA ALA A 2 -22.61 7.24 -14.63
C ALA A 2 -21.56 8.22 -14.11
N PRO A 3 -20.78 8.83 -15.02
CA PRO A 3 -20.74 8.62 -16.47
C PRO A 3 -20.09 7.30 -16.88
N LYS A 4 -19.90 7.10 -18.18
CA LYS A 4 -19.44 5.85 -18.74
C LYS A 4 -17.97 5.87 -19.13
N VAL A 5 -17.61 6.77 -20.05
CA VAL A 5 -16.26 6.79 -20.61
C VAL A 5 -15.25 6.98 -19.49
N ALA A 6 -15.65 7.72 -18.47
CA ALA A 6 -14.86 7.88 -17.26
C ALA A 6 -14.41 6.51 -16.77
N THR A 7 -15.37 5.66 -16.44
CA THR A 7 -15.10 4.29 -16.06
C THR A 7 -14.16 3.62 -17.05
N ASN A 8 -14.45 3.79 -18.34
CA ASN A 8 -13.67 3.15 -19.38
C ASN A 8 -12.23 3.67 -19.41
N ILE A 9 -12.03 4.90 -18.98
CA ILE A 9 -10.68 5.46 -18.86
C ILE A 9 -9.96 4.82 -17.68
N MET A 10 -10.62 4.84 -16.52
CA MET A 10 -9.98 4.43 -15.27
C MET A 10 -9.82 2.92 -15.18
N ARG A 11 -10.53 2.19 -16.03
CA ARG A 11 -10.34 0.74 -16.14
C ARG A 11 -9.11 0.43 -16.96
N ALA A 12 -8.80 1.31 -17.92
CA ALA A 12 -7.64 1.11 -18.79
C ALA A 12 -6.34 1.26 -18.00
N TRP A 13 -6.32 2.23 -17.09
CA TRP A 13 -5.13 2.48 -16.29
C TRP A 13 -4.89 1.33 -15.31
N LEU A 14 -5.97 0.82 -14.73
CA LEU A 14 -5.88 -0.26 -13.75
C LEU A 14 -5.33 -1.53 -14.39
N PHE A 15 -5.93 -1.95 -15.49
CA PHE A 15 -5.51 -3.18 -16.16
C PHE A 15 -4.15 -3.01 -16.81
N GLN A 16 -3.70 -1.77 -16.96
CA GLN A 16 -2.37 -1.50 -17.49
C GLN A 16 -1.31 -1.82 -16.43
N HIS A 17 -1.51 -1.34 -15.20
CA HIS A 17 -0.68 -1.78 -14.08
C HIS A 17 -1.50 -2.56 -13.06
N LEU A 18 -1.39 -3.88 -13.10
CA LEU A 18 -1.86 -4.74 -12.02
C LEU A 18 -0.75 -4.85 -10.97
N THR A 19 0.48 -4.72 -11.45
CA THR A 19 1.67 -4.75 -10.61
C THR A 19 1.58 -3.73 -9.48
N HIS A 20 1.51 -2.46 -9.87
CA HIS A 20 1.39 -1.36 -8.92
C HIS A 20 0.07 -0.62 -9.15
N PRO A 21 -1.02 -1.16 -8.60
CA PRO A 21 -2.34 -0.57 -8.86
C PRO A 21 -2.63 0.64 -7.98
N TYR A 22 -1.70 1.59 -7.96
CA TYR A 22 -1.92 2.85 -7.24
C TYR A 22 -1.40 4.02 -8.08
N PRO A 23 -2.18 5.12 -8.13
CA PRO A 23 -1.70 6.31 -8.85
C PRO A 23 -0.78 7.20 -8.01
N SER A 24 0.04 8.01 -8.67
CA SER A 24 0.71 9.14 -8.01
C SER A 24 -0.27 10.30 -8.00
N GLU A 25 -0.24 11.11 -6.95
CA GLU A 25 -1.16 12.24 -6.84
C GLU A 25 -1.04 13.20 -8.03
N GLU A 26 0.07 13.10 -8.75
CA GLU A 26 0.25 13.86 -9.98
C GLU A 26 -0.55 13.24 -11.12
N GLN A 27 -0.64 11.91 -11.12
CA GLN A 27 -1.42 11.20 -12.13
C GLN A 27 -2.91 11.39 -11.90
N LYS A 28 -3.33 11.28 -10.65
CA LYS A 28 -4.74 11.46 -10.29
C LYS A 28 -5.23 12.83 -10.72
N LYS A 29 -4.36 13.83 -10.57
CA LYS A 29 -4.65 15.18 -11.01
C LYS A 29 -5.00 15.17 -12.50
N GLN A 30 -4.18 14.47 -13.28
CA GLN A 30 -4.40 14.35 -14.71
C GLN A 30 -5.69 13.59 -15.02
N LEU A 31 -6.00 12.60 -14.19
CA LEU A 31 -7.24 11.85 -14.35
C LEU A 31 -8.42 12.77 -14.06
N ALA A 32 -8.35 13.47 -12.94
CA ALA A 32 -9.40 14.43 -12.59
C ALA A 32 -9.47 15.54 -13.62
N GLN A 33 -8.32 15.86 -14.23
CA GLN A 33 -8.26 16.94 -15.20
C GLN A 33 -9.06 16.60 -16.46
N ASP A 34 -8.84 15.42 -17.05
CA ASP A 34 -9.81 14.91 -18.01
C ASP A 34 -10.51 13.70 -17.40
N THR A 35 -11.60 14.00 -16.72
CA THR A 35 -12.69 13.07 -16.43
C THR A 35 -13.97 13.90 -16.47
N GLY A 36 -13.96 14.91 -15.60
CA GLY A 36 -15.14 15.61 -15.15
C GLY A 36 -15.33 15.30 -13.67
N LEU A 37 -14.57 14.30 -13.20
CA LEU A 37 -14.60 13.86 -11.81
C LEU A 37 -13.73 14.72 -10.88
N THR A 38 -14.09 14.73 -9.60
CA THR A 38 -13.27 15.32 -8.55
C THR A 38 -12.08 14.41 -8.24
N ILE A 39 -11.04 14.97 -7.63
CA ILE A 39 -9.92 14.17 -7.13
C ILE A 39 -10.45 13.12 -6.16
N LEU A 40 -11.35 13.56 -5.28
CA LEU A 40 -11.95 12.70 -4.28
C LEU A 40 -12.60 11.48 -4.91
N GLN A 41 -13.30 11.70 -6.01
CA GLN A 41 -13.99 10.62 -6.70
C GLN A 41 -13.02 9.57 -7.26
N VAL A 42 -11.91 10.04 -7.84
CA VAL A 42 -10.93 9.13 -8.40
C VAL A 42 -10.33 8.27 -7.29
N ASN A 43 -9.89 8.93 -6.22
CA ASN A 43 -9.43 8.23 -5.02
C ASN A 43 -10.45 7.19 -4.60
N ASN A 44 -11.65 7.65 -4.27
CA ASN A 44 -12.73 6.77 -3.85
C ASN A 44 -12.96 5.59 -4.79
N TRP A 45 -12.97 5.84 -6.09
CA TRP A 45 -13.22 4.78 -7.06
C TRP A 45 -12.07 3.77 -7.07
N PHE A 46 -10.84 4.27 -7.09
CA PHE A 46 -9.67 3.39 -7.06
C PHE A 46 -9.66 2.57 -5.77
N ILE A 47 -10.09 3.19 -4.68
CA ILE A 47 -10.21 2.50 -3.39
C ILE A 47 -11.20 1.35 -3.51
N ASN A 48 -12.35 1.63 -4.14
CA ASN A 48 -13.33 0.60 -4.41
C ASN A 48 -12.79 -0.43 -5.40
N ALA A 49 -12.31 0.07 -6.54
CA ALA A 49 -11.88 -0.77 -7.65
C ALA A 49 -10.89 -1.85 -7.22
N ARG A 50 -10.07 -1.56 -6.22
CA ARG A 50 -9.09 -2.53 -5.74
C ARG A 50 -9.75 -3.69 -5.00
N ARG A 51 -10.72 -3.38 -4.14
CA ARG A 51 -11.48 -4.42 -3.45
C ARG A 51 -12.65 -4.91 -4.31
N ARG A 52 -13.00 -4.14 -5.34
CA ARG A 52 -14.10 -4.47 -6.24
C ARG A 52 -13.70 -5.49 -7.30
N ILE A 53 -12.41 -5.50 -7.63
CA ILE A 53 -11.90 -6.23 -8.79
C ILE A 53 -10.71 -7.13 -8.44
N VAL A 54 -9.62 -6.52 -7.98
CA VAL A 54 -8.31 -7.18 -7.87
C VAL A 54 -8.26 -8.49 -7.08
N GLN A 55 -8.91 -8.51 -5.91
CA GLN A 55 -8.70 -9.57 -4.93
C GLN A 55 -8.68 -11.00 -5.51
N PRO A 56 -9.69 -11.37 -6.32
CA PRO A 56 -9.62 -12.68 -6.97
C PRO A 56 -8.42 -12.81 -7.91
N MET A 57 -8.02 -11.68 -8.51
CA MET A 57 -6.89 -11.67 -9.44
C MET A 57 -5.58 -11.58 -8.69
N ARG D 1 7.52 14.81 2.10
CA ARG D 1 7.33 13.50 2.70
C ARG D 1 7.01 12.45 1.65
N LYS D 2 7.40 11.20 1.93
CA LYS D 2 7.15 10.10 1.01
C LYS D 2 5.67 9.72 1.01
N LYS D 3 5.09 9.68 -0.18
CA LYS D 3 3.73 9.20 -0.36
C LYS D 3 3.37 7.82 0.18
N ARG D 4 2.14 7.66 0.67
CA ARG D 4 1.74 6.31 1.12
C ARG D 4 1.65 5.13 0.18
N ILE D 5 2.58 4.19 0.32
CA ILE D 5 2.70 3.05 -0.58
C ILE D 5 2.70 1.74 0.18
N PRO D 6 1.51 1.20 0.50
CA PRO D 6 1.48 0.05 1.42
C PRO D 6 2.20 -1.17 0.86
N TYR D 7 2.29 -2.22 1.67
CA TYR D 7 3.19 -3.32 1.38
C TYR D 7 2.43 -4.57 0.96
N SER D 8 3.08 -5.38 0.12
CA SER D 8 2.49 -6.63 -0.35
C SER D 8 2.17 -7.53 0.83
N LYS D 9 1.14 -8.36 0.68
CA LYS D 9 0.70 -9.24 1.75
C LYS D 9 1.76 -10.31 2.05
N GLY D 10 2.72 -10.45 1.15
CA GLY D 10 3.83 -11.36 1.34
C GLY D 10 4.97 -10.74 2.12
N GLN D 11 5.07 -9.41 2.04
CA GLN D 11 6.09 -8.67 2.78
C GLN D 11 5.70 -8.55 4.24
N LEU D 12 4.42 -8.29 4.50
CA LEU D 12 3.90 -8.26 5.86
C LEU D 12 3.89 -9.66 6.47
N ARG D 13 4.08 -10.67 5.64
CA ARG D 13 4.21 -12.05 6.12
C ARG D 13 5.62 -12.31 6.64
N GLU D 14 6.61 -11.72 5.98
CA GLU D 14 8.00 -11.82 6.43
C GLU D 14 8.13 -11.18 7.81
N LEU D 15 7.67 -9.95 7.94
CA LEU D 15 7.50 -9.33 9.25
C LEU D 15 6.35 -10.06 9.93
N GLU D 16 6.25 -9.91 11.25
CA GLU D 16 5.24 -10.62 12.05
C GLU D 16 5.63 -12.08 12.28
N ARG D 17 6.54 -12.59 11.45
CA ARG D 17 7.25 -13.82 11.76
C ARG D 17 8.41 -13.45 12.67
N GLU D 18 9.07 -12.35 12.33
CA GLU D 18 10.19 -11.85 13.11
C GLU D 18 9.68 -11.14 14.36
N TYR D 19 8.67 -10.30 14.18
CA TYR D 19 8.09 -9.55 15.31
C TYR D 19 7.56 -10.51 16.36
N ALA D 20 6.92 -11.59 15.91
CA ALA D 20 6.39 -12.57 16.82
C ALA D 20 7.51 -13.31 17.54
N ALA D 21 8.66 -13.42 16.88
CA ALA D 21 9.84 -14.04 17.48
C ALA D 21 10.50 -13.10 18.48
N ASN D 22 10.76 -11.87 18.04
CA ASN D 22 11.27 -10.81 18.90
C ASN D 22 10.68 -9.47 18.53
N LYS D 23 10.18 -8.74 19.53
CA LYS D 23 9.54 -7.46 19.31
C LYS D 23 10.54 -6.43 18.76
N PHE D 24 11.83 -6.76 18.85
CA PHE D 24 12.90 -5.85 18.46
C PHE D 24 13.83 -6.47 17.44
N ILE D 25 14.53 -5.64 16.68
CA ILE D 25 15.31 -6.08 15.53
C ILE D 25 16.81 -5.89 15.74
N THR D 26 17.60 -6.83 15.20
CA THR D 26 19.05 -6.72 15.20
C THR D 26 19.52 -6.11 13.88
N LYS D 27 20.57 -5.30 13.94
CA LYS D 27 21.10 -4.65 12.74
C LYS D 27 21.46 -5.69 11.67
N ASP D 28 21.80 -6.89 12.12
CA ASP D 28 21.98 -8.02 11.21
C ASP D 28 20.68 -8.28 10.45
N LYS D 29 19.65 -8.71 11.17
CA LYS D 29 18.36 -9.01 10.57
C LYS D 29 17.72 -7.75 9.96
N ARG D 30 18.10 -6.60 10.49
CA ARG D 30 17.67 -5.32 9.93
C ARG D 30 18.15 -5.20 8.49
N ARG D 31 19.21 -5.95 8.17
CA ARG D 31 19.73 -6.07 6.82
C ARG D 31 19.16 -7.31 6.15
N LYS D 32 19.39 -8.48 6.73
CA LYS D 32 19.01 -9.77 6.15
C LYS D 32 17.59 -9.77 5.58
N ILE D 33 16.63 -9.22 6.32
CA ILE D 33 15.24 -9.21 5.89
C ILE D 33 14.99 -8.17 4.80
N SER D 34 15.73 -7.06 4.87
CA SER D 34 15.53 -5.94 3.96
C SER D 34 15.81 -6.34 2.50
N ALA D 35 16.84 -7.16 2.31
CA ALA D 35 17.24 -7.57 0.97
C ALA D 35 16.21 -8.50 0.33
N ALA D 36 15.70 -9.44 1.11
CA ALA D 36 14.71 -10.40 0.63
C ALA D 36 13.40 -9.70 0.26
N THR D 37 13.03 -8.70 1.06
CA THR D 37 11.79 -7.95 0.84
C THR D 37 12.02 -6.71 -0.03
N SER D 38 13.28 -6.39 -0.29
CA SER D 38 13.65 -5.22 -1.06
C SER D 38 13.14 -3.93 -0.42
N LEU D 39 12.87 -3.98 0.88
CA LEU D 39 12.52 -2.80 1.65
C LEU D 39 13.79 -2.03 2.03
N SER D 40 13.64 -0.74 2.31
CA SER D 40 14.76 0.07 2.77
C SER D 40 15.08 -0.31 4.21
N GLU D 41 16.36 -0.25 4.57
CA GLU D 41 16.78 -0.57 5.94
C GLU D 41 16.11 0.40 6.91
N ARG D 42 15.80 1.59 6.42
CA ARG D 42 15.11 2.61 7.21
C ARG D 42 13.67 2.18 7.47
N GLN D 43 12.94 1.88 6.40
CA GLN D 43 11.53 1.55 6.49
C GLN D 43 11.24 0.40 7.46
N ILE D 44 11.97 -0.70 7.30
CA ILE D 44 11.77 -1.87 8.14
C ILE D 44 12.01 -1.54 9.61
N THR D 45 12.84 -0.53 9.84
CA THR D 45 13.12 -0.07 11.20
C THR D 45 11.92 0.71 11.75
N ILE D 46 11.13 1.27 10.86
CA ILE D 46 9.91 2.00 11.27
C ILE D 46 8.74 1.07 11.53
N TRP D 47 8.68 -0.03 10.78
CA TRP D 47 7.53 -0.92 10.85
C TRP D 47 7.35 -1.49 12.25
N PHE D 48 8.46 -1.89 12.88
CA PHE D 48 8.40 -2.41 14.23
C PHE D 48 7.95 -1.30 15.19
N GLN D 49 8.43 -0.08 14.98
CA GLN D 49 8.04 1.05 15.84
C GLN D 49 6.53 1.17 15.87
N ASN D 50 5.92 1.13 14.68
CA ASN D 50 4.48 1.18 14.57
C ASN D 50 3.85 -0.08 15.13
N ARG D 51 4.36 -1.24 14.71
CA ARG D 51 3.81 -2.52 15.14
C ARG D 51 3.84 -2.68 16.65
N ARG D 52 4.83 -2.05 17.28
CA ARG D 52 4.93 -2.08 18.73
C ARG D 52 3.74 -1.35 19.36
N VAL D 53 3.43 -0.18 18.82
CA VAL D 53 2.31 0.61 19.30
C VAL D 53 1.01 -0.18 19.17
N LYS D 54 0.89 -0.94 18.08
CA LYS D 54 -0.30 -1.73 17.82
C LYS D 54 -0.58 -2.67 18.98
N GLU D 55 0.47 -3.31 19.48
CA GLU D 55 0.30 -4.31 20.54
C GLU D 55 -0.16 -3.64 21.83
N LYS D 56 0.20 -2.37 22.02
CA LYS D 56 -0.29 -1.62 23.16
C LYS D 56 -1.73 -1.16 22.89
N LYS D 57 -2.09 -1.08 21.62
CA LYS D 57 -3.46 -0.75 21.24
C LYS D 57 -4.38 -1.92 21.57
N VAL D 58 -3.89 -3.13 21.33
CA VAL D 58 -4.64 -4.34 21.61
C VAL D 58 -4.94 -4.45 23.11
N LEU D 59 -4.17 -3.73 23.93
CA LEU D 59 -4.37 -3.75 25.37
C LEU D 59 -5.83 -3.37 25.65
N ALA D 60 -6.53 -4.24 26.37
CA ALA D 60 -7.98 -4.21 26.40
C ALA D 60 -8.51 -5.31 27.31
N LYS D 61 -9.73 -5.23 27.85
CA LYS D 61 -10.55 -4.01 27.96
C LYS D 61 -10.90 -3.36 26.63
#